data_4LGS
#
_entry.id   4LGS
#
_cell.length_a   91.391
_cell.length_b   49.935
_cell.length_c   114.442
_cell.angle_alpha   90.000
_cell.angle_beta   103.880
_cell.angle_gamma   90.000
#
_symmetry.space_group_name_H-M   'C 1 2 1'
#
loop_
_entity.id
_entity.type
_entity.pdbx_description
1 polymer Ricin
2 polymer 'Camelid nanobody (VHH4)'
3 water water
#
loop_
_entity_poly.entity_id
_entity_poly.type
_entity_poly.pdbx_seq_one_letter_code
_entity_poly.pdbx_strand_id
1 'polypeptide(L)'
;KQYPIINFTTAGATVQSYTNFIRAVRGRLTTGADVRHEIPVLPNRVGLPINQRFILVELSNHAELSVTLALDVTNAYVVG
YRAGNSAYFFHPDNQEDAEAITHLFTDVQNRYTFAFGGNYDRLEQLAGNLRENIELGNGPLEEAISALYYYSTGGTQLPT
LARSFIICIQMISEAARFQYIEGEMRTRIRYNRRSAPDPSVITLENSWGRLSTAIQESNQGAFASPIQLQRRNGSKFSVY
DVSILIPIIALMVYRCAPPPSSQ
;
A
2 'polypeptide(L)'
;QVQLVESGGGLVQAGGSLSLSCAASGGDFSRNAMAWFRQAPGKEREFVASINWTGSGTYYLDSVKGRFTISRDNAKNALY
LQMNNLKPEDTAVYYCARSTVFAEITGLAGYQSGSYDYWGQGTQVTVSS
;
B
#
# COMPACT_ATOMS: atom_id res chain seq x y z
N LYS A 1 1.50 7.00 21.59
CA LYS A 1 2.57 6.54 20.71
C LYS A 1 2.01 5.85 19.48
N GLN A 2 1.32 4.74 19.69
CA GLN A 2 0.86 3.90 18.60
C GLN A 2 -0.66 3.95 18.43
N TYR A 3 -1.10 3.77 17.19
CA TYR A 3 -2.53 3.64 16.90
C TYR A 3 -3.08 2.39 17.57
N PRO A 4 -4.42 2.32 17.73
CA PRO A 4 -5.08 1.15 18.31
C PRO A 4 -4.78 -0.14 17.55
N ILE A 5 -4.68 -1.24 18.28
CA ILE A 5 -4.31 -2.53 17.68
C ILE A 5 -5.36 -3.61 17.95
N ILE A 6 -5.76 -4.30 16.89
CA ILE A 6 -6.63 -5.46 17.03
C ILE A 6 -5.88 -6.74 16.69
N ASN A 7 -5.96 -7.72 17.59
CA ASN A 7 -5.24 -8.98 17.45
C ASN A 7 -6.09 -10.12 16.92
N PHE A 8 -5.58 -10.86 15.95
CA PHE A 8 -6.25 -12.07 15.48
C PHE A 8 -5.27 -13.13 15.00
N THR A 9 -5.61 -14.39 15.28
CA THR A 9 -4.81 -15.52 14.79
C THR A 9 -5.68 -16.57 14.12
N THR A 10 -5.12 -17.25 13.12
CA THR A 10 -5.84 -18.29 12.39
C THR A 10 -5.73 -19.62 13.14
N ALA A 11 -4.88 -19.67 14.16
CA ALA A 11 -4.75 -20.87 14.96
C ALA A 11 -6.00 -21.08 15.81
N GLY A 12 -6.64 -22.24 15.65
CA GLY A 12 -7.84 -22.55 16.39
C GLY A 12 -9.00 -21.63 16.05
N ALA A 13 -8.93 -20.99 14.88
CA ALA A 13 -9.95 -20.02 14.49
C ALA A 13 -11.34 -20.65 14.50
N THR A 14 -12.24 -20.07 15.28
CA THR A 14 -13.62 -20.50 15.26
C THR A 14 -14.45 -19.44 14.57
N VAL A 15 -15.73 -19.70 14.43
CA VAL A 15 -16.65 -18.68 13.95
C VAL A 15 -16.72 -17.61 15.02
N GLN A 16 -16.71 -18.05 16.29
CA GLN A 16 -16.74 -17.12 17.41
C GLN A 16 -15.56 -16.16 17.40
N SER A 17 -14.35 -16.71 17.41
CA SER A 17 -13.15 -15.90 17.51
C SER A 17 -13.01 -14.93 16.33
N TYR A 18 -13.44 -15.38 15.15
CA TYR A 18 -13.42 -14.54 13.96
C TYR A 18 -14.38 -13.36 14.10
N THR A 19 -15.59 -13.66 14.54
CA THR A 19 -16.64 -12.66 14.68
C THR A 19 -16.33 -11.62 15.77
N ASN A 20 -15.77 -12.08 16.88
CA ASN A 20 -15.42 -11.17 17.97
C ASN A 20 -14.26 -10.28 17.60
N PHE A 21 -13.52 -10.71 16.59
CA PHE A 21 -12.42 -9.95 16.01
C PHE A 21 -12.98 -8.83 15.14
N ILE A 22 -13.69 -9.21 14.08
CA ILE A 22 -14.31 -8.27 13.16
C ILE A 22 -15.18 -7.24 13.87
N ARG A 23 -15.80 -7.64 14.99
CA ARG A 23 -16.56 -6.69 15.81
C ARG A 23 -15.64 -5.69 16.49
N ALA A 24 -14.51 -6.19 17.00
CA ALA A 24 -13.53 -5.38 17.69
C ALA A 24 -12.91 -4.37 16.74
N VAL A 25 -12.71 -4.79 15.49
CA VAL A 25 -12.22 -3.90 14.46
C VAL A 25 -13.22 -2.77 14.25
N ARG A 26 -14.47 -3.15 14.00
CA ARG A 26 -15.54 -2.16 13.84
C ARG A 26 -15.58 -1.20 15.03
N GLY A 27 -15.35 -1.73 16.23
CA GLY A 27 -15.30 -0.90 17.42
C GLY A 27 -14.29 0.23 17.29
N ARG A 28 -13.12 -0.09 16.75
CA ARG A 28 -12.06 0.90 16.58
C ARG A 28 -12.17 1.81 15.35
N LEU A 29 -12.85 1.34 14.32
CA LEU A 29 -13.02 2.12 13.09
C LEU A 29 -14.02 3.28 13.27
N THR A 30 -15.02 3.09 14.12
CA THR A 30 -16.00 4.14 14.39
C THR A 30 -16.36 4.19 15.87
N THR A 31 -16.77 5.38 16.30
CA THR A 31 -17.28 5.57 17.65
C THR A 31 -18.67 4.98 17.73
N GLY A 32 -19.42 5.14 16.64
CA GLY A 32 -20.81 4.74 16.61
C GLY A 32 -21.69 5.92 16.97
N ALA A 33 -21.09 7.10 17.03
CA ALA A 33 -21.82 8.32 17.33
C ALA A 33 -22.60 8.77 16.11
N ASP A 34 -22.04 8.50 14.93
CA ASP A 34 -22.73 8.83 13.69
C ASP A 34 -23.35 7.56 13.12
N VAL A 35 -24.67 7.49 13.20
CA VAL A 35 -25.42 6.34 12.74
C VAL A 35 -26.64 6.78 11.95
N ARG A 36 -26.70 6.38 10.68
CA ARG A 36 -27.78 6.84 9.82
C ARG A 36 -28.54 5.66 9.23
N HIS A 37 -29.85 5.65 9.46
CA HIS A 37 -30.69 4.52 9.09
C HIS A 37 -30.15 3.28 9.79
N GLU A 38 -29.76 3.47 11.05
CA GLU A 38 -29.27 2.40 11.90
C GLU A 38 -27.84 1.94 11.58
N ILE A 39 -27.26 2.50 10.52
CA ILE A 39 -25.91 2.10 10.09
C ILE A 39 -24.84 3.11 10.47
N PRO A 40 -23.78 2.63 11.15
CA PRO A 40 -22.64 3.45 11.58
C PRO A 40 -21.91 4.09 10.39
N VAL A 41 -21.66 5.39 10.46
CA VAL A 41 -20.89 6.06 9.42
C VAL A 41 -19.44 6.21 9.87
N LEU A 42 -18.51 5.99 8.94
CA LEU A 42 -17.10 6.18 9.21
C LEU A 42 -16.80 7.67 9.42
N PRO A 43 -15.83 7.98 10.29
CA PRO A 43 -15.49 9.37 10.55
C PRO A 43 -15.13 10.12 9.26
N ASN A 44 -15.39 11.42 9.26
CA ASN A 44 -15.20 12.25 8.09
C ASN A 44 -13.74 12.63 7.87
N ARG A 45 -13.21 12.33 6.68
CA ARG A 45 -11.81 12.57 6.36
C ARG A 45 -11.41 14.02 6.59
N VAL A 46 -12.27 14.94 6.17
CA VAL A 46 -11.96 16.36 6.27
C VAL A 46 -11.97 16.77 7.74
N GLY A 47 -10.85 17.32 8.21
CA GLY A 47 -10.73 17.74 9.60
C GLY A 47 -10.23 16.68 10.56
N LEU A 48 -10.05 15.45 10.07
CA LEU A 48 -9.62 14.35 10.92
C LEU A 48 -8.13 14.43 11.26
N PRO A 49 -7.82 14.45 12.56
CA PRO A 49 -6.42 14.55 13.01
C PRO A 49 -5.65 13.27 12.68
N ILE A 50 -4.41 13.42 12.23
CA ILE A 50 -3.62 12.28 11.80
C ILE A 50 -3.49 11.22 12.89
N ASN A 51 -3.59 11.62 14.14
CA ASN A 51 -3.44 10.67 15.25
C ASN A 51 -4.66 9.77 15.45
N GLN A 52 -5.79 10.17 14.88
CA GLN A 52 -6.99 9.32 14.84
C GLN A 52 -7.16 8.60 13.49
N ARG A 53 -6.22 8.79 12.58
CA ARG A 53 -6.41 8.40 11.19
C ARG A 53 -6.40 6.90 10.86
N PHE A 54 -5.60 6.11 11.58
CA PHE A 54 -5.44 4.70 11.25
C PHE A 54 -5.71 3.77 12.43
N ILE A 55 -5.88 2.49 12.14
CA ILE A 55 -5.93 1.45 13.16
C ILE A 55 -5.00 0.31 12.78
N LEU A 56 -4.58 -0.47 13.77
CA LEU A 56 -3.69 -1.58 13.51
C LEU A 56 -4.33 -2.96 13.73
N VAL A 57 -4.24 -3.80 12.70
CA VAL A 57 -4.72 -5.16 12.80
C VAL A 57 -3.55 -6.12 12.71
N GLU A 58 -3.23 -6.77 13.83
CA GLU A 58 -2.13 -7.71 13.87
C GLU A 58 -2.63 -9.12 13.58
N LEU A 59 -1.96 -9.80 12.66
CA LEU A 59 -2.36 -11.14 12.26
C LEU A 59 -1.23 -12.14 12.48
N SER A 60 -1.56 -13.27 13.09
CA SER A 60 -0.59 -14.33 13.30
C SER A 60 -1.16 -15.66 12.82
N ASN A 61 -0.30 -16.66 12.64
CA ASN A 61 -0.76 -17.99 12.29
C ASN A 61 -0.20 -19.06 13.21
N HIS A 62 -0.51 -20.31 12.92
CA HIS A 62 -0.06 -21.43 13.74
C HIS A 62 1.46 -21.49 13.77
N ALA A 63 2.08 -21.12 12.66
CA ALA A 63 3.54 -21.07 12.57
C ALA A 63 4.08 -19.95 13.45
N GLU A 64 3.18 -19.14 14.00
CA GLU A 64 3.53 -18.01 14.86
C GLU A 64 4.29 -16.91 14.14
N LEU A 65 4.03 -16.78 12.85
CA LEU A 65 4.46 -15.63 12.09
C LEU A 65 3.38 -14.55 12.19
N SER A 66 3.81 -13.30 12.31
CA SER A 66 2.86 -12.21 12.49
C SER A 66 3.13 -11.03 11.55
N VAL A 67 2.05 -10.41 11.09
CA VAL A 67 2.15 -9.18 10.32
C VAL A 67 1.11 -8.20 10.83
N THR A 68 1.42 -6.90 10.75
CA THR A 68 0.49 -5.88 11.21
C THR A 68 0.02 -5.03 10.05
N LEU A 69 -1.29 -5.00 9.85
CA LEU A 69 -1.87 -4.23 8.75
C LEU A 69 -2.36 -2.88 9.23
N ALA A 70 -2.21 -1.87 8.36
CA ALA A 70 -2.74 -0.55 8.65
C ALA A 70 -4.03 -0.30 7.88
N LEU A 71 -5.09 0.06 8.60
CA LEU A 71 -6.36 0.38 7.96
C LEU A 71 -6.72 1.84 8.12
N ASP A 72 -7.04 2.49 7.01
CA ASP A 72 -7.54 3.85 7.02
C ASP A 72 -8.94 3.80 7.62
N VAL A 73 -9.21 4.64 8.61
CA VAL A 73 -10.49 4.60 9.29
C VAL A 73 -11.58 5.33 8.49
N THR A 74 -11.17 6.08 7.48
CA THR A 74 -12.12 6.78 6.63
C THR A 74 -12.75 5.84 5.60
N ASN A 75 -11.93 5.08 4.88
CA ASN A 75 -12.45 4.03 4.00
C ASN A 75 -12.38 2.59 4.54
N ALA A 76 -11.88 2.44 5.76
CA ALA A 76 -11.72 1.10 6.36
C ALA A 76 -10.86 0.20 5.48
N TYR A 77 -9.95 0.81 4.72
CA TYR A 77 -9.16 0.06 3.76
C TYR A 77 -7.70 -0.07 4.19
N VAL A 78 -7.07 -1.16 3.78
CA VAL A 78 -5.66 -1.40 4.07
C VAL A 78 -4.77 -0.52 3.18
N VAL A 79 -3.96 0.33 3.81
CA VAL A 79 -3.03 1.20 3.08
C VAL A 79 -1.59 0.69 3.02
N GLY A 80 -1.31 -0.41 3.72
CA GLY A 80 0.04 -0.91 3.86
C GLY A 80 0.16 -1.83 5.05
N TYR A 81 1.37 -2.34 5.31
CA TYR A 81 1.57 -3.28 6.41
C TYR A 81 3.02 -3.39 6.87
N ARG A 82 3.23 -3.96 8.05
CA ARG A 82 4.57 -4.16 8.56
C ARG A 82 4.84 -5.61 8.94
N ALA A 83 6.04 -6.08 8.59
CA ALA A 83 6.51 -7.38 9.03
C ALA A 83 7.94 -7.23 9.57
N GLY A 84 8.11 -7.46 10.87
CA GLY A 84 9.41 -7.30 11.48
C GLY A 84 9.97 -5.91 11.28
N ASN A 85 11.15 -5.83 10.67
CA ASN A 85 11.83 -4.56 10.46
C ASN A 85 11.55 -3.84 9.15
N SER A 86 10.63 -4.38 8.35
CA SER A 86 10.25 -3.74 7.09
C SER A 86 8.78 -3.35 7.06
N ALA A 87 8.47 -2.21 6.46
CA ALA A 87 7.09 -1.75 6.32
C ALA A 87 6.81 -1.43 4.85
N TYR A 88 5.62 -1.81 4.37
CA TYR A 88 5.29 -1.69 2.96
C TYR A 88 3.96 -0.96 2.73
N PHE A 89 3.96 0.00 1.82
CA PHE A 89 2.78 0.82 1.58
C PHE A 89 2.35 0.81 0.12
N PHE A 90 1.03 0.76 -0.10
CA PHE A 90 0.48 0.87 -1.44
C PHE A 90 0.72 2.27 -1.98
N HIS A 91 0.98 2.37 -3.28
CA HIS A 91 1.24 3.66 -3.90
C HIS A 91 0.06 4.62 -3.72
N PRO A 92 0.30 5.74 -3.04
CA PRO A 92 -0.68 6.79 -2.73
C PRO A 92 -1.26 7.43 -3.99
N ASP A 93 -2.55 7.73 -3.95
CA ASP A 93 -3.23 8.38 -5.06
C ASP A 93 -3.00 9.90 -5.09
N ASN A 94 -2.65 10.48 -3.95
CA ASN A 94 -2.46 11.92 -3.85
C ASN A 94 -1.47 12.37 -2.75
N GLN A 95 -1.06 13.64 -2.80
CA GLN A 95 -0.13 14.17 -1.81
C GLN A 95 -0.57 13.96 -0.37
N GLU A 96 -1.85 14.19 -0.12
CA GLU A 96 -2.40 14.15 1.24
C GLU A 96 -2.24 12.77 1.89
N ASP A 97 -2.56 11.71 1.15
CA ASP A 97 -2.36 10.35 1.64
C ASP A 97 -0.88 10.13 1.93
N ALA A 98 -0.05 10.46 0.96
CA ALA A 98 1.38 10.26 1.06
C ALA A 98 1.93 10.84 2.36
N GLU A 99 1.40 11.98 2.76
CA GLU A 99 1.81 12.57 4.02
C GLU A 99 1.33 11.67 5.16
N ALA A 100 0.04 11.37 5.15
CA ALA A 100 -0.58 10.62 6.23
C ALA A 100 0.20 9.35 6.59
N ILE A 101 0.53 8.54 5.58
CA ILE A 101 1.14 7.24 5.81
C ILE A 101 2.56 7.33 6.38
N THR A 102 3.11 8.53 6.48
CA THR A 102 4.41 8.70 7.11
C THR A 102 4.30 8.70 8.63
N HIS A 103 3.08 8.79 9.13
CA HIS A 103 2.83 8.74 10.57
C HIS A 103 2.60 7.31 11.04
N LEU A 104 2.72 6.36 10.10
CA LEU A 104 2.57 4.93 10.40
C LEU A 104 3.92 4.23 10.54
N PHE A 105 4.03 3.36 11.54
CA PHE A 105 5.23 2.55 11.72
C PHE A 105 6.49 3.39 11.59
N THR A 106 6.54 4.51 12.31
CA THR A 106 7.65 5.44 12.14
C THR A 106 8.99 4.88 12.65
N ASP A 107 8.91 3.84 13.47
CA ASP A 107 10.10 3.27 14.09
C ASP A 107 10.74 2.14 13.26
N VAL A 108 10.12 1.81 12.14
CA VAL A 108 10.60 0.70 11.31
C VAL A 108 11.93 1.05 10.62
N GLN A 109 12.83 0.07 10.58
CA GLN A 109 14.14 0.24 9.98
C GLN A 109 14.04 0.62 8.51
N ASN A 110 13.29 -0.17 7.75
CA ASN A 110 13.14 0.04 6.32
C ASN A 110 11.70 0.40 5.93
N ARG A 111 11.54 1.38 5.04
CA ARG A 111 10.22 1.80 4.57
C ARG A 111 10.12 1.79 3.05
N TYR A 112 9.28 0.91 2.52
CA TYR A 112 9.09 0.83 1.08
C TYR A 112 7.69 1.27 0.66
N THR A 113 7.62 2.10 -0.37
CA THR A 113 6.34 2.43 -0.99
C THR A 113 6.25 1.75 -2.36
N PHE A 114 5.21 0.97 -2.55
CA PHE A 114 5.01 0.27 -3.81
C PHE A 114 4.75 1.24 -4.95
N ALA A 115 5.11 0.84 -6.16
CA ALA A 115 4.85 1.64 -7.34
C ALA A 115 3.41 1.39 -7.83
N PHE A 116 2.70 0.55 -7.10
CA PHE A 116 1.32 0.19 -7.45
C PHE A 116 0.38 0.40 -6.27
N GLY A 117 -0.89 0.60 -6.59
CA GLY A 117 -1.91 0.84 -5.56
C GLY A 117 -2.56 -0.44 -5.09
N GLY A 118 -3.39 -0.34 -4.06
CA GLY A 118 -4.03 -1.50 -3.48
C GLY A 118 -5.47 -1.72 -3.97
N ASN A 119 -5.83 -1.10 -5.08
CA ASN A 119 -7.15 -1.32 -5.66
C ASN A 119 -7.23 -2.66 -6.39
N TYR A 120 -8.42 -3.27 -6.38
CA TYR A 120 -8.58 -4.64 -6.87
C TYR A 120 -8.09 -4.85 -8.31
N ASP A 121 -8.40 -3.92 -9.22
CA ASP A 121 -7.94 -4.03 -10.59
C ASP A 121 -6.43 -4.30 -10.62
N ARG A 122 -5.68 -3.46 -9.93
CA ARG A 122 -4.23 -3.58 -9.89
C ARG A 122 -3.77 -4.91 -9.31
N LEU A 123 -4.29 -5.26 -8.14
CA LEU A 123 -3.91 -6.49 -7.47
C LEU A 123 -4.24 -7.75 -8.30
N GLU A 124 -5.39 -7.74 -8.96
CA GLU A 124 -5.81 -8.88 -9.77
C GLU A 124 -4.81 -9.17 -10.90
N GLN A 125 -4.40 -8.13 -11.62
CA GLN A 125 -3.50 -8.28 -12.77
C GLN A 125 -2.08 -8.68 -12.35
N LEU A 126 -1.71 -8.34 -11.12
CA LEU A 126 -0.41 -8.73 -10.59
C LEU A 126 -0.41 -10.19 -10.12
N ALA A 127 -1.43 -10.55 -9.35
CA ALA A 127 -1.54 -11.90 -8.81
C ALA A 127 -1.80 -12.91 -9.91
N GLY A 128 -2.28 -12.41 -11.06
CA GLY A 128 -2.50 -13.24 -12.23
C GLY A 128 -3.93 -13.68 -12.43
N ASN A 129 -4.80 -13.41 -11.47
CA ASN A 129 -6.20 -13.84 -11.57
C ASN A 129 -7.18 -13.05 -10.72
N LEU A 130 -8.46 -13.14 -11.09
CA LEU A 130 -9.53 -12.39 -10.43
C LEU A 130 -9.92 -12.88 -9.03
N ARG A 131 -10.58 -12.00 -8.26
CA ARG A 131 -11.09 -12.33 -6.92
C ARG A 131 -11.89 -13.63 -6.92
N GLU A 132 -12.63 -13.85 -8.00
CA GLU A 132 -13.48 -15.03 -8.19
C GLU A 132 -12.68 -16.34 -8.27
N ASN A 133 -11.44 -16.25 -8.74
CA ASN A 133 -10.60 -17.42 -8.87
C ASN A 133 -9.68 -17.57 -7.67
N ILE A 134 -9.83 -16.65 -6.72
CA ILE A 134 -8.99 -16.65 -5.52
C ILE A 134 -9.79 -17.03 -4.28
N GLU A 135 -9.37 -18.12 -3.66
CA GLU A 135 -10.10 -18.75 -2.55
C GLU A 135 -9.97 -17.97 -1.24
N LEU A 136 -10.89 -18.25 -0.32
CA LEU A 136 -10.94 -17.57 0.97
C LEU A 136 -11.12 -18.57 2.10
N GLY A 137 -10.99 -18.10 3.34
CA GLY A 137 -11.07 -18.97 4.49
C GLY A 137 -9.78 -19.11 5.28
N ASN A 138 -9.89 -19.73 6.45
CA ASN A 138 -8.80 -19.86 7.42
C ASN A 138 -7.47 -20.30 6.79
N GLY A 139 -7.54 -21.23 5.86
CA GLY A 139 -6.35 -21.74 5.20
C GLY A 139 -5.67 -20.73 4.28
N PRO A 140 -6.43 -20.14 3.36
CA PRO A 140 -5.87 -19.06 2.53
C PRO A 140 -5.41 -17.85 3.35
N LEU A 141 -5.89 -17.69 4.59
CA LEU A 141 -5.42 -16.59 5.42
C LEU A 141 -4.05 -16.91 6.06
N GLU A 142 -3.91 -18.16 6.50
CA GLU A 142 -2.65 -18.66 7.06
C GLU A 142 -1.51 -18.50 6.07
N GLU A 143 -1.78 -18.88 4.82
CA GLU A 143 -0.75 -18.82 3.79
C GLU A 143 -0.37 -17.37 3.44
N ALA A 144 -1.37 -16.52 3.33
CA ALA A 144 -1.15 -15.11 3.06
C ALA A 144 -0.37 -14.44 4.19
N ILE A 145 -0.68 -14.80 5.43
CA ILE A 145 0.05 -14.27 6.57
C ILE A 145 1.54 -14.61 6.44
N SER A 146 1.83 -15.84 6.05
CA SER A 146 3.21 -16.26 5.85
C SER A 146 3.87 -15.53 4.67
N ALA A 147 3.20 -15.55 3.52
CA ALA A 147 3.75 -14.95 2.31
C ALA A 147 4.11 -13.49 2.50
N LEU A 148 3.31 -12.77 3.27
CA LEU A 148 3.60 -11.37 3.56
C LEU A 148 4.83 -11.26 4.45
N TYR A 149 4.96 -12.21 5.37
CA TYR A 149 6.07 -12.23 6.30
C TYR A 149 7.40 -12.48 5.57
N TYR A 150 7.39 -13.44 4.65
CA TYR A 150 8.62 -13.86 3.98
C TYR A 150 8.95 -13.01 2.78
N TYR A 151 8.11 -12.02 2.48
CA TYR A 151 8.40 -11.12 1.38
C TYR A 151 9.60 -10.25 1.72
N SER A 152 9.66 -9.78 2.97
CA SER A 152 10.76 -8.94 3.43
C SER A 152 12.12 -9.63 3.30
N THR A 153 12.12 -10.96 3.29
CA THR A 153 13.36 -11.72 3.15
C THR A 153 13.62 -12.19 1.71
N GLY A 154 12.74 -11.80 0.79
CA GLY A 154 12.89 -12.20 -0.60
C GLY A 154 12.23 -13.55 -0.87
N GLY A 155 11.78 -14.19 0.20
CA GLY A 155 11.15 -15.50 0.10
C GLY A 155 9.89 -15.50 -0.74
N THR A 156 9.14 -14.41 -0.70
CA THR A 156 7.87 -14.35 -1.43
C THR A 156 7.99 -13.59 -2.75
N GLN A 157 7.33 -14.09 -3.79
CA GLN A 157 7.32 -13.40 -5.06
C GLN A 157 6.11 -12.50 -5.19
N LEU A 158 6.08 -11.73 -6.28
CA LEU A 158 5.05 -10.70 -6.43
C LEU A 158 3.63 -11.21 -6.60
N PRO A 159 3.39 -12.06 -7.62
CA PRO A 159 2.01 -12.52 -7.82
C PRO A 159 1.46 -13.14 -6.55
N THR A 160 2.25 -13.99 -5.90
CA THR A 160 1.85 -14.65 -4.67
C THR A 160 1.48 -13.64 -3.60
N LEU A 161 2.26 -12.56 -3.51
CA LEU A 161 2.01 -11.52 -2.54
C LEU A 161 0.73 -10.75 -2.88
N ALA A 162 0.60 -10.38 -4.15
CA ALA A 162 -0.59 -9.68 -4.62
C ALA A 162 -1.81 -10.46 -4.20
N ARG A 163 -1.86 -11.73 -4.56
CA ARG A 163 -2.96 -12.61 -4.19
C ARG A 163 -3.18 -12.60 -2.68
N SER A 164 -2.08 -12.52 -1.94
CA SER A 164 -2.15 -12.51 -0.47
C SER A 164 -2.85 -11.26 0.03
N PHE A 165 -2.65 -10.14 -0.67
CA PHE A 165 -3.32 -8.90 -0.34
C PHE A 165 -4.82 -9.03 -0.58
N ILE A 166 -5.16 -9.50 -1.78
CA ILE A 166 -6.54 -9.69 -2.18
C ILE A 166 -7.30 -10.49 -1.11
N ILE A 167 -6.64 -11.48 -0.53
CA ILE A 167 -7.26 -12.33 0.47
C ILE A 167 -7.53 -11.58 1.79
N CYS A 168 -6.49 -10.95 2.34
CA CYS A 168 -6.62 -10.27 3.63
C CYS A 168 -7.57 -9.08 3.59
N ILE A 169 -7.46 -8.29 2.53
CA ILE A 169 -8.37 -7.15 2.36
C ILE A 169 -9.82 -7.62 2.47
N GLN A 170 -10.16 -8.65 1.71
CA GLN A 170 -11.51 -9.19 1.71
C GLN A 170 -11.89 -9.78 3.07
N MET A 171 -11.01 -10.57 3.65
CA MET A 171 -11.32 -11.24 4.90
C MET A 171 -11.38 -10.27 6.08
N ILE A 172 -10.85 -9.06 5.89
CA ILE A 172 -10.79 -8.10 6.99
C ILE A 172 -11.47 -6.78 6.69
N SER A 173 -10.99 -6.05 5.70
CA SER A 173 -11.63 -4.80 5.29
C SER A 173 -13.07 -5.05 4.82
N GLU A 174 -13.21 -5.89 3.81
CA GLU A 174 -14.53 -6.18 3.24
C GLU A 174 -15.44 -6.82 4.28
N ALA A 175 -14.86 -7.69 5.09
CA ALA A 175 -15.61 -8.37 6.14
C ALA A 175 -16.13 -7.37 7.15
N ALA A 176 -15.33 -6.35 7.46
CA ALA A 176 -15.71 -5.34 8.43
C ALA A 176 -16.81 -4.44 7.87
N ARG A 177 -16.71 -4.14 6.57
CA ARG A 177 -17.71 -3.31 5.89
C ARG A 177 -19.09 -3.96 5.86
N PHE A 178 -19.11 -5.27 5.58
CA PHE A 178 -20.36 -6.00 5.38
C PHE A 178 -20.52 -7.17 6.35
N GLN A 179 -21.63 -7.19 7.08
CA GLN A 179 -21.93 -8.32 7.96
C GLN A 179 -22.26 -9.54 7.12
N TYR A 180 -22.67 -9.29 5.87
CA TYR A 180 -22.96 -10.38 4.93
C TYR A 180 -21.70 -11.15 4.60
N ILE A 181 -20.66 -10.43 4.21
CA ILE A 181 -19.39 -11.06 3.86
C ILE A 181 -18.75 -11.68 5.10
N GLU A 182 -18.99 -11.07 6.26
CA GLU A 182 -18.58 -11.68 7.52
C GLU A 182 -19.22 -13.05 7.66
N GLY A 183 -20.49 -13.14 7.27
CA GLY A 183 -21.21 -14.40 7.33
C GLY A 183 -20.68 -15.42 6.34
N GLU A 184 -20.29 -14.95 5.16
CA GLU A 184 -19.72 -15.83 4.14
C GLU A 184 -18.41 -16.45 4.62
N MET A 185 -17.66 -15.67 5.39
CA MET A 185 -16.40 -16.15 5.94
C MET A 185 -16.63 -17.06 7.13
N ARG A 186 -17.62 -16.71 7.96
CA ARG A 186 -18.04 -17.59 9.04
C ARG A 186 -18.30 -18.99 8.49
N THR A 187 -19.11 -19.06 7.45
CA THR A 187 -19.42 -20.32 6.79
C THR A 187 -18.13 -21.10 6.52
N ARG A 188 -17.27 -20.54 5.69
CA ARG A 188 -16.01 -21.16 5.33
C ARG A 188 -15.24 -21.61 6.57
N ILE A 189 -15.02 -20.68 7.48
CA ILE A 189 -14.29 -20.97 8.72
C ILE A 189 -14.91 -22.13 9.50
N ARG A 190 -16.22 -22.10 9.66
CA ARG A 190 -16.91 -23.07 10.50
C ARG A 190 -16.59 -24.52 10.13
N TYR A 191 -16.63 -24.82 8.84
CA TYR A 191 -16.38 -26.18 8.36
C TYR A 191 -14.98 -26.41 7.83
N ASN A 192 -14.13 -25.39 7.93
CA ASN A 192 -12.78 -25.52 7.43
C ASN A 192 -12.80 -25.76 5.91
N ARG A 193 -13.71 -25.07 5.24
CA ARG A 193 -13.69 -25.10 3.79
C ARG A 193 -12.91 -23.92 3.26
N ARG A 194 -12.70 -23.93 1.94
CA ARG A 194 -12.09 -22.81 1.26
C ARG A 194 -12.74 -22.71 -0.10
N SER A 195 -13.20 -21.52 -0.46
CA SER A 195 -13.81 -21.32 -1.74
C SER A 195 -13.69 -19.89 -2.17
N ALA A 196 -13.64 -19.66 -3.47
CA ALA A 196 -13.64 -18.32 -4.00
C ALA A 196 -15.02 -17.73 -3.80
N PRO A 197 -15.12 -16.40 -3.74
CA PRO A 197 -16.42 -15.76 -3.51
C PRO A 197 -17.35 -15.75 -4.74
N ASP A 198 -18.64 -15.73 -4.44
CA ASP A 198 -19.70 -15.69 -5.45
C ASP A 198 -19.96 -14.26 -5.93
N PRO A 199 -20.69 -14.13 -7.06
CA PRO A 199 -21.02 -12.83 -7.65
C PRO A 199 -21.66 -11.85 -6.67
N SER A 200 -22.37 -12.35 -5.66
CA SER A 200 -23.00 -11.47 -4.69
C SER A 200 -21.95 -10.74 -3.86
N VAL A 201 -21.03 -11.51 -3.27
CA VAL A 201 -19.95 -10.94 -2.49
C VAL A 201 -19.16 -9.94 -3.31
N ILE A 202 -18.71 -10.37 -4.48
CA ILE A 202 -17.92 -9.51 -5.37
C ILE A 202 -18.64 -8.19 -5.68
N THR A 203 -19.88 -8.28 -6.13
CA THR A 203 -20.63 -7.08 -6.50
C THR A 203 -20.82 -6.14 -5.31
N LEU A 204 -21.03 -6.70 -4.13
CA LEU A 204 -21.14 -5.91 -2.91
C LEU A 204 -19.87 -5.11 -2.68
N GLU A 205 -18.74 -5.74 -2.95
CA GLU A 205 -17.44 -5.08 -2.81
C GLU A 205 -17.34 -3.92 -3.79
N ASN A 206 -17.76 -4.15 -5.03
CA ASN A 206 -17.68 -3.12 -6.06
C ASN A 206 -18.67 -1.98 -5.80
N SER A 207 -19.74 -2.29 -5.08
CA SER A 207 -20.83 -1.34 -4.87
C SER A 207 -20.80 -0.58 -3.54
N TRP A 208 -19.82 -0.87 -2.69
CA TRP A 208 -19.79 -0.28 -1.34
C TRP A 208 -19.95 1.24 -1.30
N GLY A 209 -19.13 1.93 -2.08
CA GLY A 209 -19.15 3.38 -2.12
C GLY A 209 -20.51 3.94 -2.54
N ARG A 210 -21.05 3.38 -3.61
CA ARG A 210 -22.31 3.86 -4.17
C ARG A 210 -23.47 3.66 -3.20
N LEU A 211 -23.49 2.52 -2.53
CA LEU A 211 -24.51 2.27 -1.50
C LEU A 211 -24.40 3.33 -0.41
N SER A 212 -23.17 3.56 0.05
CA SER A 212 -22.90 4.59 1.05
C SER A 212 -23.51 5.94 0.66
N THR A 213 -23.38 6.31 -0.61
CA THR A 213 -23.96 7.55 -1.09
C THR A 213 -25.49 7.51 -1.05
N ALA A 214 -26.05 6.52 -1.73
CA ALA A 214 -27.50 6.41 -1.86
C ALA A 214 -28.16 6.45 -0.49
N ILE A 215 -27.60 5.71 0.45
CA ILE A 215 -28.16 5.60 1.79
C ILE A 215 -28.19 6.93 2.53
N GLN A 216 -27.09 7.68 2.45
CA GLN A 216 -27.01 8.98 3.11
C GLN A 216 -27.74 10.04 2.32
N GLU A 217 -27.98 9.75 1.04
CA GLU A 217 -28.75 10.65 0.19
C GLU A 217 -30.25 10.31 0.16
N SER A 218 -30.61 9.21 0.82
CA SER A 218 -31.97 8.68 0.71
C SER A 218 -32.99 9.65 1.27
N ASN A 219 -34.24 9.51 0.81
CA ASN A 219 -35.35 10.28 1.35
C ASN A 219 -36.16 9.39 2.28
N GLN A 220 -36.03 9.65 3.58
CA GLN A 220 -36.68 8.83 4.60
C GLN A 220 -36.39 7.34 4.42
N GLY A 221 -35.23 7.03 3.86
CA GLY A 221 -34.82 5.64 3.65
C GLY A 221 -35.02 5.14 2.23
N ALA A 222 -35.62 5.96 1.38
CA ALA A 222 -35.86 5.57 -0.01
C ALA A 222 -34.85 6.21 -0.96
N PHE A 223 -34.14 5.38 -1.71
CA PHE A 223 -33.13 5.87 -2.65
C PHE A 223 -33.77 6.74 -3.72
N ALA A 224 -32.98 7.67 -4.26
CA ALA A 224 -33.40 8.44 -5.43
C ALA A 224 -33.18 7.61 -6.69
N SER A 225 -32.20 6.71 -6.65
CA SER A 225 -31.92 5.82 -7.77
C SER A 225 -31.43 4.47 -7.26
N PRO A 226 -31.77 3.38 -7.99
CA PRO A 226 -31.45 2.01 -7.58
C PRO A 226 -29.99 1.61 -7.84
N ILE A 227 -29.51 0.60 -7.12
CA ILE A 227 -28.19 0.05 -7.34
C ILE A 227 -28.30 -1.43 -7.70
N GLN A 228 -27.74 -1.79 -8.85
CA GLN A 228 -27.79 -3.17 -9.31
C GLN A 228 -26.95 -4.09 -8.43
N LEU A 229 -27.35 -5.34 -8.31
CA LEU A 229 -26.66 -6.30 -7.47
C LEU A 229 -26.92 -7.71 -7.98
N GLN A 230 -26.09 -8.65 -7.51
CA GLN A 230 -26.26 -10.05 -7.88
C GLN A 230 -26.44 -10.91 -6.64
N ARG A 231 -27.23 -11.97 -6.77
CA ARG A 231 -27.28 -13.01 -5.76
C ARG A 231 -26.24 -14.07 -6.10
N ARG A 232 -26.16 -15.08 -5.25
CA ARG A 232 -25.13 -16.12 -5.36
C ARG A 232 -25.15 -16.83 -6.71
N ASN A 233 -26.30 -16.82 -7.37
CA ASN A 233 -26.44 -17.44 -8.67
C ASN A 233 -26.11 -16.49 -9.82
N GLY A 234 -25.68 -15.28 -9.47
CA GLY A 234 -25.18 -14.34 -10.46
C GLY A 234 -26.25 -13.60 -11.22
N SER A 235 -27.49 -13.68 -10.75
CA SER A 235 -28.59 -12.97 -11.38
C SER A 235 -28.80 -11.61 -10.71
N LYS A 236 -29.12 -10.60 -11.52
CA LYS A 236 -29.27 -9.25 -11.02
C LYS A 236 -30.60 -8.98 -10.33
N PHE A 237 -30.58 -8.04 -9.38
CA PHE A 237 -31.78 -7.49 -8.79
C PHE A 237 -31.44 -6.07 -8.34
N SER A 238 -32.41 -5.18 -8.38
CA SER A 238 -32.15 -3.77 -8.07
C SER A 238 -32.58 -3.38 -6.65
N VAL A 239 -31.81 -2.49 -6.03
CA VAL A 239 -32.10 -2.04 -4.67
C VAL A 239 -32.56 -0.59 -4.65
N TYR A 240 -33.82 -0.38 -4.34
CA TYR A 240 -34.38 0.97 -4.26
C TYR A 240 -34.45 1.49 -2.83
N ASP A 241 -33.99 0.71 -1.87
CA ASP A 241 -34.26 1.05 -0.49
C ASP A 241 -33.14 0.71 0.52
N VAL A 242 -33.38 1.11 1.77
CA VAL A 242 -32.44 0.97 2.86
C VAL A 242 -32.69 -0.31 3.66
N SER A 243 -33.90 -0.46 4.17
CA SER A 243 -34.22 -1.54 5.10
C SER A 243 -33.71 -2.89 4.62
N ILE A 244 -33.53 -3.02 3.31
CA ILE A 244 -32.91 -4.20 2.74
C ILE A 244 -31.46 -4.37 3.19
N LEU A 245 -30.75 -3.25 3.25
CA LEU A 245 -29.31 -3.25 3.46
C LEU A 245 -28.86 -3.42 4.90
N ILE A 246 -29.70 -2.98 5.83
CA ILE A 246 -29.33 -2.98 7.25
C ILE A 246 -28.71 -4.30 7.74
N PRO A 247 -29.30 -5.44 7.34
CA PRO A 247 -28.71 -6.76 7.65
C PRO A 247 -27.40 -7.01 6.89
N ILE A 248 -27.10 -6.18 5.89
CA ILE A 248 -25.98 -6.43 4.99
C ILE A 248 -24.72 -5.61 5.31
N ILE A 249 -24.81 -4.30 5.15
CA ILE A 249 -23.64 -3.42 5.30
C ILE A 249 -23.49 -2.89 6.73
N ALA A 250 -22.32 -3.15 7.33
CA ALA A 250 -22.04 -2.74 8.70
C ALA A 250 -21.59 -1.29 8.84
N LEU A 251 -20.78 -0.83 7.88
CA LEU A 251 -20.19 0.51 7.95
C LEU A 251 -20.40 1.30 6.66
N MET A 252 -20.41 2.63 6.78
CA MET A 252 -20.56 3.49 5.62
C MET A 252 -19.52 4.59 5.63
N VAL A 253 -18.97 4.89 4.46
CA VAL A 253 -18.11 6.06 4.31
C VAL A 253 -18.95 7.33 4.48
N TYR A 254 -18.29 8.45 4.75
CA TYR A 254 -19.03 9.67 5.06
C TYR A 254 -19.25 10.48 3.79
N ARG A 255 -20.50 10.47 3.33
CA ARG A 255 -20.90 11.22 2.14
C ARG A 255 -21.24 12.68 2.40
N CYS A 256 -21.98 12.90 3.48
CA CYS A 256 -22.53 14.21 3.78
C CYS A 256 -22.86 14.31 5.26
N ALA A 257 -23.36 15.47 5.68
CA ALA A 257 -23.76 15.66 7.07
C ALA A 257 -24.93 14.75 7.42
N PRO A 258 -25.09 14.44 8.73
CA PRO A 258 -26.19 13.60 9.22
C PRO A 258 -27.55 14.20 8.90
N PRO A 259 -28.64 13.51 9.27
CA PRO A 259 -29.98 14.02 8.97
C PRO A 259 -30.55 14.88 10.09
N PRO A 260 -31.76 15.42 9.85
CA PRO A 260 -32.55 16.16 10.83
C PRO A 260 -33.01 15.28 11.98
N SER A 261 -33.44 15.92 13.06
CA SER A 261 -33.96 15.20 14.23
C SER A 261 -35.03 14.17 13.93
N SER A 262 -35.87 14.43 12.92
CA SER A 262 -37.01 13.53 12.65
C SER A 262 -36.63 12.05 12.58
N GLN A 263 -35.94 11.72 11.49
CA GLN A 263 -35.55 10.35 11.15
C GLN A 263 -34.69 10.45 9.89
N GLN B 1 10.68 -3.28 -21.81
CA GLN B 1 12.11 -3.38 -21.53
C GLN B 1 12.67 -2.08 -20.95
N VAL B 2 13.16 -2.16 -19.72
CA VAL B 2 13.70 -0.99 -19.01
C VAL B 2 15.17 -0.75 -19.35
N GLN B 3 15.52 0.53 -19.57
CA GLN B 3 16.87 0.92 -19.98
C GLN B 3 17.46 1.98 -19.07
N LEU B 4 18.75 1.89 -18.80
CA LEU B 4 19.45 2.92 -18.02
C LEU B 4 20.77 3.30 -18.68
N VAL B 5 20.90 4.56 -19.07
CA VAL B 5 22.11 5.04 -19.72
C VAL B 5 22.58 6.37 -19.12
N GLU B 6 23.80 6.39 -18.60
CA GLU B 6 24.35 7.59 -17.95
C GLU B 6 25.33 8.35 -18.85
N SER B 7 25.25 9.68 -18.76
CA SER B 7 26.11 10.54 -19.55
C SER B 7 26.56 11.72 -18.68
N GLY B 8 27.54 12.47 -19.16
CA GLY B 8 27.98 13.68 -18.48
C GLY B 8 29.27 13.53 -17.70
N GLY B 9 29.78 12.31 -17.64
CA GLY B 9 31.04 12.02 -16.95
C GLY B 9 32.21 12.67 -17.65
N GLY B 10 33.41 12.51 -17.07
CA GLY B 10 34.59 13.10 -17.64
C GLY B 10 35.68 13.37 -16.62
N LEU B 11 36.55 14.33 -16.93
CA LEU B 11 37.64 14.71 -16.04
C LEU B 11 37.55 16.17 -15.62
N VAL B 12 37.73 16.43 -14.32
CA VAL B 12 37.82 17.80 -13.84
C VAL B 12 38.84 17.93 -12.71
N GLN B 13 39.03 19.17 -12.25
CA GLN B 13 40.01 19.50 -11.23
C GLN B 13 39.34 19.74 -9.90
N ALA B 14 40.05 19.48 -8.80
CA ALA B 14 39.46 19.66 -7.49
C ALA B 14 38.82 21.04 -7.41
N GLY B 15 37.54 21.06 -7.02
CA GLY B 15 36.76 22.29 -7.04
C GLY B 15 35.88 22.40 -8.27
N GLY B 16 36.21 21.62 -9.31
CA GLY B 16 35.49 21.68 -10.57
C GLY B 16 34.10 21.03 -10.53
N SER B 17 33.36 21.17 -11.62
CA SER B 17 31.95 20.78 -11.64
C SER B 17 31.57 19.81 -12.77
N LEU B 18 30.52 19.04 -12.54
CA LEU B 18 29.99 18.11 -13.54
C LEU B 18 28.47 17.99 -13.46
N SER B 19 27.84 17.68 -14.59
CA SER B 19 26.40 17.43 -14.62
C SER B 19 26.09 16.03 -15.15
N LEU B 20 25.57 15.16 -14.28
CA LEU B 20 25.31 13.78 -14.68
C LEU B 20 23.85 13.58 -15.09
N SER B 21 23.64 12.72 -16.08
CA SER B 21 22.30 12.40 -16.55
C SER B 21 22.13 10.91 -16.79
N CYS B 22 21.00 10.36 -16.37
CA CYS B 22 20.64 8.99 -16.68
C CYS B 22 19.39 9.01 -17.57
N ALA B 23 19.48 8.34 -18.71
CA ALA B 23 18.33 8.27 -19.62
C ALA B 23 17.64 6.92 -19.44
N ALA B 24 16.46 6.96 -18.83
CA ALA B 24 15.70 5.76 -18.54
C ALA B 24 14.54 5.61 -19.51
N SER B 25 14.20 4.37 -19.83
CA SER B 25 13.09 4.09 -20.72
C SER B 25 12.46 2.76 -20.35
N GLY B 26 11.24 2.53 -20.83
CA GLY B 26 10.49 1.34 -20.48
C GLY B 26 9.97 1.42 -19.06
N GLY B 27 9.03 0.54 -18.73
CA GLY B 27 8.46 0.52 -17.40
C GLY B 27 7.73 1.82 -17.10
N ASP B 28 7.25 1.96 -15.87
CA ASP B 28 6.66 3.23 -15.47
C ASP B 28 7.67 3.97 -14.58
N PHE B 29 8.26 5.01 -15.15
CA PHE B 29 9.35 5.70 -14.50
C PHE B 29 8.86 6.62 -13.40
N SER B 30 7.75 7.32 -13.67
CA SER B 30 7.21 8.29 -12.74
C SER B 30 6.81 7.67 -11.40
N ARG B 31 6.60 6.36 -11.39
CA ARG B 31 6.30 5.63 -10.15
C ARG B 31 7.50 4.87 -9.53
N ASN B 32 8.68 5.01 -10.12
CA ASN B 32 9.85 4.26 -9.66
C ASN B 32 10.88 5.02 -8.82
N ALA B 33 11.25 4.45 -7.67
CA ALA B 33 12.30 4.99 -6.82
C ALA B 33 13.68 4.89 -7.50
N MET B 34 14.54 5.87 -7.26
CA MET B 34 15.83 5.93 -7.94
C MET B 34 16.99 6.45 -7.09
N ALA B 35 18.19 5.99 -7.41
CA ALA B 35 19.38 6.35 -6.66
C ALA B 35 20.62 6.40 -7.54
N TRP B 36 21.68 7.04 -7.03
CA TRP B 36 23.00 7.00 -7.65
C TRP B 36 24.00 6.30 -6.74
N PHE B 37 24.79 5.38 -7.29
CA PHE B 37 25.87 4.77 -6.52
C PHE B 37 27.17 5.07 -7.24
N ARG B 38 28.28 4.66 -6.64
CA ARG B 38 29.58 4.84 -7.28
C ARG B 38 30.55 3.79 -6.79
N GLN B 39 31.48 3.38 -7.64
CA GLN B 39 32.51 2.43 -7.25
C GLN B 39 33.88 2.75 -7.81
N ALA B 40 34.85 2.93 -6.93
CA ALA B 40 36.26 3.01 -7.34
C ALA B 40 36.90 1.63 -7.26
N PRO B 41 37.87 1.35 -8.15
CA PRO B 41 38.58 0.07 -8.09
C PRO B 41 39.24 -0.15 -6.73
N GLY B 42 39.17 -1.37 -6.22
CA GLY B 42 39.74 -1.69 -4.92
C GLY B 42 38.81 -1.30 -3.78
N LYS B 43 37.86 -0.44 -4.08
CA LYS B 43 36.93 0.03 -3.07
C LYS B 43 35.55 -0.62 -3.21
N GLU B 44 34.88 -0.80 -2.09
CA GLU B 44 33.51 -1.31 -2.08
C GLU B 44 32.60 -0.29 -2.77
N ARG B 45 31.47 -0.77 -3.29
CA ARG B 45 30.51 0.11 -3.94
C ARG B 45 29.71 0.89 -2.89
N GLU B 46 29.75 2.22 -2.98
CA GLU B 46 29.15 3.06 -1.95
C GLU B 46 27.93 3.85 -2.42
N PHE B 47 26.93 3.97 -1.55
CA PHE B 47 25.75 4.77 -1.84
C PHE B 47 26.10 6.25 -1.96
N VAL B 48 25.41 6.94 -2.86
CA VAL B 48 25.65 8.36 -3.10
C VAL B 48 24.41 9.22 -2.80
N ALA B 49 23.35 9.05 -3.59
CA ALA B 49 22.13 9.84 -3.42
C ALA B 49 20.90 9.05 -3.84
N SER B 50 19.79 9.26 -3.14
CA SER B 50 18.54 8.61 -3.49
C SER B 50 17.39 9.62 -3.58
N ILE B 51 16.44 9.35 -4.47
CA ILE B 51 15.28 10.22 -4.65
C ILE B 51 14.01 9.42 -4.93
N ASN B 52 12.92 9.75 -4.23
CA ASN B 52 11.67 9.03 -4.41
C ASN B 52 10.96 9.38 -5.72
N TRP B 53 9.79 8.78 -5.92
CA TRP B 53 9.07 8.93 -7.18
C TRP B 53 8.55 10.36 -7.39
N THR B 54 8.08 11.00 -6.33
CA THR B 54 7.62 12.38 -6.47
C THR B 54 8.85 13.22 -6.67
N GLY B 55 8.66 14.52 -6.80
CA GLY B 55 9.80 15.40 -6.92
C GLY B 55 10.72 15.23 -5.73
N SER B 56 10.19 15.44 -4.53
CA SER B 56 11.09 15.53 -3.38
C SER B 56 10.83 14.70 -2.13
N GLY B 57 11.74 13.74 -1.96
CA GLY B 57 12.30 13.40 -0.67
C GLY B 57 13.64 12.88 -1.16
N THR B 58 14.71 13.12 -0.42
CA THR B 58 16.04 12.86 -0.97
C THR B 58 17.06 12.62 0.12
N TYR B 59 18.04 11.77 -0.17
CA TYR B 59 19.03 11.43 0.84
C TYR B 59 20.40 11.34 0.20
N TYR B 60 21.40 11.70 0.99
CA TYR B 60 22.76 11.80 0.48
C TYR B 60 23.76 11.14 1.42
N LEU B 61 24.86 10.68 0.85
CA LEU B 61 26.04 10.32 1.62
C LEU B 61 26.57 11.64 2.17
N ASP B 62 26.81 11.70 3.47
CA ASP B 62 27.14 12.98 4.10
C ASP B 62 28.42 13.63 3.58
N SER B 63 29.34 12.82 3.05
CA SER B 63 30.54 13.37 2.44
C SER B 63 30.16 14.27 1.27
N VAL B 64 29.10 13.91 0.56
CA VAL B 64 28.64 14.66 -0.60
C VAL B 64 27.55 15.68 -0.25
N LYS B 65 27.10 15.66 1.01
CA LYS B 65 25.97 16.48 1.40
C LYS B 65 26.28 17.97 1.21
N GLY B 66 25.43 18.64 0.43
CA GLY B 66 25.59 20.05 0.16
C GLY B 66 26.45 20.33 -1.06
N ARG B 67 27.33 19.38 -1.39
CA ARG B 67 28.09 19.44 -2.63
C ARG B 67 27.31 18.89 -3.82
N PHE B 68 26.56 17.82 -3.59
CA PHE B 68 25.84 17.12 -4.64
C PHE B 68 24.34 17.35 -4.58
N THR B 69 23.68 17.35 -5.74
CA THR B 69 22.23 17.44 -5.80
C THR B 69 21.62 16.48 -6.81
N ILE B 70 20.74 15.60 -6.31
CA ILE B 70 20.05 14.64 -7.15
C ILE B 70 18.64 15.12 -7.50
N SER B 71 18.26 15.01 -8.77
CA SER B 71 16.91 15.36 -9.19
C SER B 71 16.43 14.46 -10.32
N ARG B 72 15.18 14.68 -10.75
CA ARG B 72 14.57 13.84 -11.78
C ARG B 72 13.50 14.61 -12.54
N ASP B 73 13.32 14.26 -13.82
CA ASP B 73 12.20 14.79 -14.59
C ASP B 73 11.34 13.61 -15.05
N ASN B 74 10.16 13.48 -14.45
CA ASN B 74 9.31 12.33 -14.71
C ASN B 74 8.63 12.40 -16.08
N ALA B 75 8.66 13.58 -16.67
CA ALA B 75 8.19 13.77 -18.05
C ALA B 75 9.27 13.37 -19.05
N LYS B 76 10.53 13.65 -18.70
CA LYS B 76 11.65 13.35 -19.58
C LYS B 76 12.17 11.94 -19.40
N ASN B 77 11.65 11.24 -18.40
CA ASN B 77 12.19 9.93 -18.03
C ASN B 77 13.68 10.05 -17.75
N ALA B 78 14.04 10.98 -16.88
CA ALA B 78 15.46 11.28 -16.65
C ALA B 78 15.80 11.48 -15.17
N LEU B 79 16.96 10.99 -14.78
CA LEU B 79 17.52 11.23 -13.46
C LEU B 79 18.78 12.09 -13.60
N TYR B 80 19.04 12.93 -12.61
CA TYR B 80 20.16 13.87 -12.67
C TYR B 80 21.01 13.86 -11.42
N LEU B 81 22.32 14.00 -11.60
CA LEU B 81 23.21 14.25 -10.46
C LEU B 81 24.11 15.46 -10.73
N GLN B 82 23.98 16.48 -9.88
CA GLN B 82 24.81 17.68 -9.99
C GLN B 82 25.94 17.61 -8.98
N MET B 83 27.18 17.71 -9.46
CA MET B 83 28.35 17.63 -8.60
C MET B 83 29.18 18.91 -8.72
N ASN B 84 29.35 19.62 -7.62
CA ASN B 84 29.91 20.97 -7.68
C ASN B 84 31.33 21.18 -7.14
N ASN B 85 31.51 21.13 -5.82
CA ASN B 85 32.86 21.31 -5.32
C ASN B 85 33.44 19.92 -5.26
N LEU B 86 34.31 19.62 -6.22
CA LEU B 86 34.71 18.24 -6.45
C LEU B 86 36.07 17.93 -5.84
N LYS B 87 36.19 16.72 -5.33
CA LYS B 87 37.39 16.30 -4.63
C LYS B 87 37.91 14.98 -5.20
N PRO B 88 39.20 14.71 -4.98
CA PRO B 88 39.85 13.46 -5.38
C PRO B 88 39.13 12.20 -4.88
N GLU B 89 38.45 12.32 -3.74
CA GLU B 89 37.71 11.21 -3.16
C GLU B 89 36.58 10.82 -4.08
N ASP B 90 35.99 11.83 -4.71
CA ASP B 90 34.84 11.67 -5.59
C ASP B 90 35.14 10.91 -6.89
N THR B 91 36.40 10.59 -7.12
CA THR B 91 36.75 9.82 -8.31
C THR B 91 36.25 8.39 -8.22
N ALA B 92 35.45 7.99 -9.21
CA ALA B 92 34.88 6.64 -9.27
C ALA B 92 33.98 6.51 -10.50
N VAL B 93 33.66 5.27 -10.86
CA VAL B 93 32.65 5.03 -11.88
C VAL B 93 31.28 5.21 -11.24
N TYR B 94 30.47 6.11 -11.80
CA TYR B 94 29.16 6.42 -11.24
C TYR B 94 28.03 5.68 -11.95
N TYR B 95 27.21 4.97 -11.18
CA TYR B 95 26.10 4.18 -11.73
C TYR B 95 24.74 4.68 -11.27
N CYS B 96 23.77 4.70 -12.17
CA CYS B 96 22.39 5.00 -11.80
C CYS B 96 21.63 3.69 -11.66
N ALA B 97 20.73 3.63 -10.67
CA ALA B 97 20.00 2.40 -10.36
C ALA B 97 18.51 2.63 -10.14
N ARG B 98 17.70 1.70 -10.62
CA ARG B 98 16.25 1.86 -10.63
C ARG B 98 15.54 0.73 -9.89
N SER B 99 14.42 1.05 -9.26
CA SER B 99 13.53 0.03 -8.72
C SER B 99 12.19 0.20 -9.39
N THR B 100 11.75 -0.82 -10.12
CA THR B 100 10.45 -0.76 -10.77
C THR B 100 9.35 -1.27 -9.84
N VAL B 101 9.76 -1.91 -8.76
CA VAL B 101 8.82 -2.36 -7.74
C VAL B 101 8.45 -1.24 -6.76
N PHE B 102 9.38 -0.33 -6.51
CA PHE B 102 9.17 0.67 -5.46
C PHE B 102 9.18 2.12 -5.92
N ALA B 103 8.20 2.88 -5.44
CA ALA B 103 8.12 4.32 -5.70
C ALA B 103 9.04 5.05 -4.74
N GLU B 104 9.19 4.51 -3.54
CA GLU B 104 10.08 5.10 -2.56
C GLU B 104 10.71 4.07 -1.63
N ILE B 105 11.97 4.29 -1.30
CA ILE B 105 12.70 3.45 -0.36
C ILE B 105 13.48 4.33 0.62
N THR B 106 13.16 4.24 1.90
CA THR B 106 13.87 5.00 2.90
C THR B 106 14.34 4.06 4.01
N GLY B 107 14.97 4.62 5.05
CA GLY B 107 15.55 3.82 6.10
C GLY B 107 16.77 3.07 5.58
N LEU B 108 17.19 2.05 6.31
CA LEU B 108 18.41 1.32 5.97
C LEU B 108 18.40 0.78 4.54
N ALA B 109 17.26 0.26 4.10
CA ALA B 109 17.16 -0.35 2.78
C ALA B 109 17.53 0.60 1.65
N GLY B 110 17.36 1.90 1.90
CA GLY B 110 17.60 2.90 0.87
C GLY B 110 19.02 2.96 0.34
N TYR B 111 19.99 2.53 1.15
CA TYR B 111 21.39 2.58 0.77
C TYR B 111 21.88 1.29 0.13
N GLN B 112 21.06 0.24 0.20
CA GLN B 112 21.49 -1.08 -0.25
C GLN B 112 21.34 -1.24 -1.75
N SER B 113 22.44 -1.61 -2.40
CA SER B 113 22.42 -1.87 -3.85
C SER B 113 21.42 -2.97 -4.17
N GLY B 114 21.19 -3.84 -3.20
CA GLY B 114 20.28 -4.96 -3.38
C GLY B 114 18.85 -4.57 -3.66
N SER B 115 18.43 -3.40 -3.16
CA SER B 115 17.02 -2.99 -3.25
C SER B 115 16.65 -2.42 -4.62
N TYR B 116 17.63 -2.29 -5.49
CA TYR B 116 17.38 -1.76 -6.83
C TYR B 116 17.66 -2.83 -7.89
N ASP B 117 16.65 -3.15 -8.70
CA ASP B 117 16.81 -4.21 -9.70
C ASP B 117 17.54 -3.82 -11.00
N TYR B 118 17.34 -2.60 -11.48
CA TYR B 118 17.98 -2.19 -12.74
C TYR B 118 19.15 -1.24 -12.53
N TRP B 119 20.20 -1.44 -13.31
CA TRP B 119 21.41 -0.62 -13.22
C TRP B 119 21.87 -0.16 -14.59
N GLY B 120 22.61 0.94 -14.63
CA GLY B 120 23.13 1.48 -15.87
C GLY B 120 24.53 0.98 -16.15
N GLN B 121 25.08 1.33 -17.31
CA GLN B 121 26.41 0.87 -17.68
C GLN B 121 27.48 1.53 -16.82
N GLY B 122 27.25 2.78 -16.44
CA GLY B 122 28.19 3.52 -15.62
C GLY B 122 28.93 4.57 -16.43
N THR B 123 29.41 5.60 -15.75
CA THR B 123 30.18 6.65 -16.38
C THR B 123 31.34 7.09 -15.48
N GLN B 124 32.53 7.21 -16.06
CA GLN B 124 33.73 7.44 -15.28
C GLN B 124 33.93 8.90 -14.87
N VAL B 125 34.19 9.12 -13.59
CA VAL B 125 34.47 10.45 -13.08
C VAL B 125 35.86 10.51 -12.44
N THR B 126 36.77 11.27 -13.05
CA THR B 126 38.11 11.44 -12.51
C THR B 126 38.33 12.90 -12.12
N VAL B 127 38.89 13.14 -10.94
CA VAL B 127 39.21 14.50 -10.51
C VAL B 127 40.69 14.66 -10.19
N SER B 128 41.30 15.73 -10.71
CA SER B 128 42.75 15.88 -10.64
C SER B 128 43.23 16.76 -9.49
N SER B 129 44.55 16.95 -9.43
CA SER B 129 45.21 17.71 -8.37
C SER B 129 44.80 17.19 -6.99
#